data_1RC8
#
_entry.id   1RC8
#
_cell.length_a   82.170
_cell.length_b   92.061
_cell.length_c   123.385
_cell.angle_alpha   90.00
_cell.angle_beta   90.00
_cell.angle_gamma   90.00
#
_symmetry.space_group_name_H-M   'I 2 2 2'
#
loop_
_entity.id
_entity.type
_entity.pdbx_description
1 polymer "5'-D(*GP*TP*CP*AP*C)-3'"
2 polymer 'Polynucleotide kinase'
3 non-polymer 'CALCIUM ION'
4 non-polymer 'DIMETHYL SULFOXIDE'
5 non-polymer "ADENOSINE-5'-DIPHOSPHATE"
6 water water
#
loop_
_entity_poly.entity_id
_entity_poly.type
_entity_poly.pdbx_seq_one_letter_code
_entity_poly.pdbx_strand_id
1 'polydeoxyribonucleotide' (DG)(DT)(DC)(DA)(DC) B
2 'polypeptide(L)'
;(MSE)KKIILTIGCPGSGKSTWAREFIAKNPGFYNINRDDYRQSI(MSE)AHEERDEYKYTKKKEGIVTG(MSE)QFDTA
KSILYGGDSVKGVIISDTNLNPERRLAWETFAKEYGWKVEHKVFDVPWTELVKRNSKRGTKAVPIDVLRS(MSE)YKS
(MSE)REYLGLPVYNGTPGKPKAVIFDVDGTLAK(MSE)NGRGPYDLEKCDTDVINP(MSE)VVELSK(MSE)YAL
(MSE)GYQIVVVSGRESGTKEDPTKYYR(MSE)TRKWVEDIAGVPLV(MSE)QCQREQGDTRKDDVVKEEIFWKHIAPHF
DVKLAIDDRTQVVE(MSE)WRRIGVECWQVASGDF
;
A
#
# COMPACT_ATOMS: atom_id res chain seq x y z
N LYS B 2 2.03 14.87 30.39
CA LYS B 2 0.85 14.34 29.68
C LYS B 2 1.17 14.06 28.21
N LYS B 3 0.58 12.99 27.68
CA LYS B 3 0.83 12.59 26.30
C LYS B 3 -0.31 12.79 25.29
N ILE B 4 0.09 12.93 24.02
CA ILE B 4 -0.83 13.10 22.91
C ILE B 4 -0.49 12.03 21.87
N ILE B 5 -1.25 10.95 21.85
CA ILE B 5 -1.03 9.83 20.92
C ILE B 5 -1.62 10.01 19.51
N LEU B 6 -0.75 10.03 18.50
CA LEU B 6 -1.19 10.13 17.10
C LEU B 6 -1.23 8.72 16.48
N THR B 7 -2.38 8.30 15.95
CA THR B 7 -2.43 6.98 15.32
C THR B 7 -2.00 7.23 13.89
N ILE B 8 -1.21 6.33 13.35
CA ILE B 8 -0.74 6.48 11.98
C ILE B 8 -1.25 5.29 11.17
N GLY B 9 -2.24 5.54 10.32
CA GLY B 9 -2.81 4.49 9.49
C GLY B 9 -3.76 4.97 8.40
N CYS B 10 -3.97 4.12 7.40
CA CYS B 10 -4.89 4.45 6.33
C CYS B 10 -6.26 4.04 6.88
N PRO B 11 -7.36 4.57 6.33
CA PRO B 11 -8.67 4.18 6.86
C PRO B 11 -8.83 2.67 6.76
N GLY B 12 -9.36 2.06 7.82
CA GLY B 12 -9.53 0.62 7.83
C GLY B 12 -8.35 -0.09 8.43
N SER B 13 -7.31 0.66 8.78
CA SER B 13 -6.11 0.09 9.36
C SER B 13 -6.32 -0.46 10.75
N GLY B 14 -7.22 0.14 11.52
CA GLY B 14 -7.46 -0.35 12.86
C GLY B 14 -7.42 0.73 13.94
N LYS B 15 -7.07 1.94 13.55
CA LYS B 15 -6.97 3.07 14.44
C LYS B 15 -8.06 3.15 15.52
N SER B 16 -9.31 3.24 15.08
CA SER B 16 -10.45 3.39 15.97
C SER B 16 -10.79 2.19 16.84
N THR B 17 -10.74 1.01 16.25
CA THR B 17 -11.05 -0.18 17.01
C THR B 17 -10.08 -0.21 18.17
N TRP B 18 -8.87 0.28 17.91
CA TRP B 18 -7.82 0.32 18.93
C TRP B 18 -8.08 1.41 19.95
N ALA B 19 -8.40 2.60 19.48
CA ALA B 19 -8.64 3.73 20.37
C ALA B 19 -9.69 3.39 21.42
N ARG B 20 -10.82 2.83 21.00
CA ARG B 20 -11.88 2.47 21.93
C ARG B 20 -11.40 1.39 22.88
N GLU B 21 -10.73 0.40 22.31
CA GLU B 21 -10.19 -0.73 23.06
C GLU B 21 -9.28 -0.20 24.15
N PHE B 22 -8.34 0.65 23.74
CA PHE B 22 -7.37 1.26 24.64
C PHE B 22 -8.10 2.04 25.73
N ILE B 23 -8.68 3.18 25.36
CA ILE B 23 -9.39 4.04 26.30
C ILE B 23 -10.23 3.26 27.33
N ALA B 24 -10.90 2.20 26.91
CA ALA B 24 -11.71 1.40 27.82
C ALA B 24 -10.90 0.84 28.96
N LYS B 25 -9.69 0.37 28.67
CA LYS B 25 -8.80 -0.22 29.67
C LYS B 25 -7.89 0.79 30.39
N ASN B 26 -7.62 1.92 29.74
CA ASN B 26 -6.76 2.94 30.33
C ASN B 26 -7.53 4.20 30.74
N PRO B 27 -8.49 4.06 31.66
CA PRO B 27 -9.22 5.26 32.06
C PRO B 27 -8.28 6.44 32.31
N GLY B 28 -8.47 7.50 31.53
CA GLY B 28 -7.65 8.68 31.65
C GLY B 28 -7.44 9.33 30.29
N PHE B 29 -7.55 8.55 29.22
CA PHE B 29 -7.36 9.10 27.89
C PHE B 29 -8.69 9.44 27.23
N TYR B 30 -8.64 10.30 26.23
CA TYR B 30 -9.85 10.72 25.53
C TYR B 30 -9.61 10.80 24.03
N ASN B 31 -10.62 10.42 23.24
CA ASN B 31 -10.51 10.41 21.78
C ASN B 31 -10.92 11.73 21.11
N ILE B 32 -10.14 12.14 20.13
CA ILE B 32 -10.39 13.35 19.35
C ILE B 32 -10.29 12.86 17.91
N ASN B 33 -11.24 13.22 17.06
CA ASN B 33 -11.23 12.71 15.69
C ASN B 33 -11.89 13.62 14.64
N ARG B 34 -11.24 13.78 13.49
CA ARG B 34 -11.75 14.63 12.42
C ARG B 34 -13.08 14.14 11.84
N ASP B 35 -13.12 12.87 11.45
CA ASP B 35 -14.33 12.27 10.88
C ASP B 35 -15.57 12.60 11.71
N ASP B 36 -15.46 12.48 13.03
CA ASP B 36 -16.58 12.78 13.92
C ASP B 36 -17.01 14.24 13.84
N TYR B 37 -16.04 15.13 13.89
CA TYR B 37 -16.32 16.55 13.82
C TYR B 37 -16.92 16.89 12.46
N ARG B 38 -16.37 16.28 11.42
CA ARG B 38 -16.82 16.49 10.06
C ARG B 38 -18.29 16.12 9.89
N GLN B 39 -18.74 15.07 10.58
CA GLN B 39 -20.13 14.65 10.49
C GLN B 39 -21.09 15.43 11.39
N SER B 40 -20.65 15.69 12.61
CA SER B 40 -21.45 16.42 13.59
C SER B 40 -21.85 17.83 13.16
N ILE B 41 -20.89 18.59 12.65
CA ILE B 41 -21.18 19.95 12.23
C ILE B 41 -22.06 20.05 11.00
N ALA B 43 -24.59 17.68 10.86
CA ALA B 43 -25.72 16.92 11.39
C ALA B 43 -26.03 15.77 10.46
N HIS B 44 -25.01 15.31 9.72
CA HIS B 44 -25.18 14.22 8.78
C HIS B 44 -25.61 12.94 9.46
N GLU B 45 -26.28 12.09 8.69
CA GLU B 45 -26.73 10.79 9.15
C GLU B 45 -25.73 9.80 8.54
N GLU B 46 -25.45 8.71 9.25
CA GLU B 46 -24.49 7.71 8.79
C GLU B 46 -24.39 7.52 7.28
N ARG B 47 -25.53 7.44 6.60
CA ARG B 47 -25.56 7.24 5.15
C ARG B 47 -25.34 8.48 4.27
N ASP B 48 -24.94 9.60 4.85
CA ASP B 48 -24.71 10.81 4.07
C ASP B 48 -23.28 10.94 3.55
N GLU B 49 -23.13 11.62 2.42
CA GLU B 49 -21.81 11.82 1.82
C GLU B 49 -21.29 13.25 2.01
N TYR B 50 -20.40 13.41 2.98
CA TYR B 50 -19.81 14.71 3.29
C TYR B 50 -19.15 15.33 2.07
N LYS B 51 -19.31 16.64 1.91
CA LYS B 51 -18.71 17.37 0.78
C LYS B 51 -17.50 18.13 1.29
N TYR B 52 -16.35 17.97 0.62
CA TYR B 52 -15.12 18.65 1.06
C TYR B 52 -15.10 20.15 0.90
N THR B 53 -14.60 20.82 1.93
CA THR B 53 -14.50 22.27 1.97
C THR B 53 -13.29 22.72 2.76
N LYS B 54 -12.55 23.67 2.20
CA LYS B 54 -11.38 24.21 2.87
C LYS B 54 -11.85 24.93 4.14
N LYS B 55 -13.04 25.52 4.07
CA LYS B 55 -13.62 26.23 5.21
C LYS B 55 -13.96 25.27 6.34
N LYS B 56 -14.73 24.24 6.03
CA LYS B 56 -15.11 23.26 7.04
C LYS B 56 -13.90 22.59 7.67
N GLU B 57 -12.86 22.37 6.88
CA GLU B 57 -11.64 21.74 7.40
C GLU B 57 -11.02 22.60 8.49
N GLY B 58 -10.81 23.87 8.16
CA GLY B 58 -10.25 24.78 9.14
C GLY B 58 -11.02 24.60 10.44
N ILE B 59 -12.34 24.72 10.34
CA ILE B 59 -13.21 24.54 11.49
C ILE B 59 -12.82 23.28 12.24
N VAL B 60 -12.86 22.16 11.56
CA VAL B 60 -12.55 20.87 12.15
C VAL B 60 -11.18 20.84 12.84
N THR B 61 -10.17 21.38 12.17
CA THR B 61 -8.83 21.41 12.76
C THR B 61 -8.89 22.23 14.06
N GLY B 62 -9.50 23.40 13.97
CA GLY B 62 -9.63 24.24 15.14
C GLY B 62 -10.27 23.48 16.28
N GLN B 64 -10.09 20.45 16.88
CA GLN B 64 -9.15 19.48 17.41
C GLN B 64 -8.22 20.09 18.43
N PHE B 65 -7.42 21.05 17.99
CA PHE B 65 -6.48 21.63 18.92
C PHE B 65 -7.17 22.20 20.15
N ASP B 66 -8.23 22.98 19.94
CA ASP B 66 -8.95 23.54 21.07
C ASP B 66 -9.33 22.43 22.07
N THR B 67 -9.94 21.36 21.58
CA THR B 67 -10.34 20.27 22.46
C THR B 67 -9.09 19.63 23.06
N ALA B 68 -8.02 19.62 22.29
CA ALA B 68 -6.77 19.03 22.74
C ALA B 68 -6.31 19.77 23.99
N LYS B 69 -6.07 21.07 23.82
CA LYS B 69 -5.61 21.92 24.91
C LYS B 69 -6.62 21.85 26.05
N SER B 70 -7.91 21.91 25.70
CA SER B 70 -9.00 21.90 26.68
C SER B 70 -9.13 20.65 27.51
N ILE B 71 -8.72 19.51 26.99
CA ILE B 71 -8.81 18.26 27.74
C ILE B 71 -7.46 17.95 28.41
N LEU B 72 -6.41 18.58 27.90
CA LEU B 72 -5.08 18.37 28.44
C LEU B 72 -4.77 19.38 29.55
N TYR B 73 -5.66 20.34 29.72
CA TYR B 73 -5.50 21.34 30.76
C TYR B 73 -6.58 21.10 31.82
N GLY B 74 -6.82 19.83 32.15
CA GLY B 74 -7.83 19.50 33.14
C GLY B 74 -7.27 18.83 34.39
N GLY B 75 -8.14 18.10 35.07
CA GLY B 75 -7.74 17.41 36.28
C GLY B 75 -6.54 16.49 36.09
N ASP B 76 -5.79 16.32 37.17
CA ASP B 76 -4.61 15.46 37.18
C ASP B 76 -5.00 14.01 36.89
N SER B 77 -6.22 13.80 36.42
CA SER B 77 -6.69 12.45 36.12
C SER B 77 -6.52 12.20 34.64
N VAL B 78 -6.38 13.29 33.88
CA VAL B 78 -6.20 13.21 32.45
C VAL B 78 -4.79 12.73 32.10
N LYS B 79 -4.70 11.51 31.60
CA LYS B 79 -3.43 10.92 31.19
C LYS B 79 -2.97 11.55 29.87
N GLY B 80 -3.93 11.78 28.98
CA GLY B 80 -3.65 12.37 27.68
C GLY B 80 -4.76 12.17 26.66
N VAL B 81 -4.46 12.42 25.38
CA VAL B 81 -5.45 12.28 24.32
C VAL B 81 -4.96 11.51 23.10
N ILE B 82 -5.90 10.90 22.39
CA ILE B 82 -5.59 10.13 21.18
C ILE B 82 -6.18 10.84 19.96
N ILE B 83 -5.36 11.00 18.92
CA ILE B 83 -5.81 11.62 17.68
C ILE B 83 -5.98 10.48 16.66
N SER B 84 -7.15 9.83 16.67
CA SER B 84 -7.43 8.72 15.77
C SER B 84 -7.68 9.07 14.31
N ASP B 85 -6.86 9.97 13.78
CA ASP B 85 -6.97 10.38 12.38
C ASP B 85 -5.94 9.54 11.58
N THR B 86 -5.88 9.76 10.27
CA THR B 86 -4.91 9.04 9.44
C THR B 86 -3.49 9.55 9.74
N ASN B 87 -3.40 10.83 10.11
CA ASN B 87 -2.13 11.50 10.41
C ASN B 87 -1.05 11.17 9.40
N LEU B 88 -1.42 10.88 8.16
CA LEU B 88 -0.40 10.54 7.20
C LEU B 88 0.31 11.70 6.56
N ASN B 89 -0.27 12.89 6.60
CA ASN B 89 0.41 14.05 6.04
C ASN B 89 1.46 14.47 7.07
N PRO B 90 2.73 14.66 6.65
CA PRO B 90 3.76 15.05 7.60
C PRO B 90 3.61 16.46 8.15
N GLU B 91 3.37 17.44 7.28
CA GLU B 91 3.21 18.82 7.70
C GLU B 91 2.22 18.88 8.86
N ARG B 92 1.34 17.89 8.91
CA ARG B 92 0.33 17.80 9.95
C ARG B 92 0.91 17.16 11.21
N ARG B 93 1.72 16.13 11.02
CA ARG B 93 2.35 15.45 12.16
C ARG B 93 3.26 16.43 12.88
N LEU B 94 3.95 17.25 12.10
CA LEU B 94 4.85 18.26 12.64
C LEU B 94 4.03 19.24 13.46
N ALA B 95 2.96 19.75 12.84
CA ALA B 95 2.07 20.69 13.51
C ALA B 95 1.74 20.23 14.94
N TRP B 96 1.47 18.95 15.10
CA TRP B 96 1.17 18.43 16.43
C TRP B 96 2.36 18.50 17.37
N GLU B 97 3.52 18.04 16.90
CA GLU B 97 4.70 18.05 17.73
C GLU B 97 5.05 19.46 18.16
N THR B 98 4.89 20.43 17.27
CA THR B 98 5.18 21.81 17.65
C THR B 98 4.17 22.29 18.69
N PHE B 99 2.89 22.03 18.45
CA PHE B 99 1.82 22.42 19.36
C PHE B 99 2.06 21.80 20.73
N ALA B 100 2.30 20.50 20.79
CA ALA B 100 2.54 19.86 22.07
C ALA B 100 3.84 20.39 22.67
N LYS B 101 4.64 21.06 21.85
CA LYS B 101 5.92 21.61 22.30
C LYS B 101 5.69 22.81 23.19
N GLU B 102 4.91 23.77 22.69
CA GLU B 102 4.62 24.98 23.42
C GLU B 102 3.48 24.86 24.40
N TYR B 103 3.43 23.76 25.15
CA TYR B 103 2.41 23.55 26.18
C TYR B 103 2.88 22.53 27.19
N GLY B 104 3.94 21.81 26.83
CA GLY B 104 4.52 20.84 27.74
C GLY B 104 4.02 19.42 27.62
N TRP B 105 3.67 19.00 26.41
CA TRP B 105 3.18 17.64 26.25
C TRP B 105 4.05 16.85 25.28
N LYS B 106 4.16 15.55 25.48
CA LYS B 106 4.95 14.75 24.55
C LYS B 106 4.06 14.13 23.48
N VAL B 107 4.65 13.81 22.34
CA VAL B 107 3.92 13.20 21.25
C VAL B 107 4.36 11.76 21.02
N GLU B 108 3.40 10.84 21.03
CA GLU B 108 3.68 9.42 20.81
C GLU B 108 2.99 8.93 19.54
N HIS B 109 3.49 7.83 18.98
CA HIS B 109 2.91 7.25 17.76
C HIS B 109 2.48 5.81 17.94
N LYS B 110 1.38 5.46 17.30
CA LYS B 110 0.84 4.11 17.34
C LYS B 110 0.51 3.79 15.89
N VAL B 111 1.35 2.97 15.28
CA VAL B 111 1.21 2.61 13.88
C VAL B 111 0.29 1.42 13.62
N PHE B 112 -0.42 1.48 12.49
CA PHE B 112 -1.32 0.41 12.09
C PHE B 112 -1.06 0.08 10.63
N ASP B 113 0.12 -0.48 10.35
CA ASP B 113 0.50 -0.85 8.99
C ASP B 113 -0.15 -2.16 8.54
N VAL B 114 -1.11 -2.04 7.63
CA VAL B 114 -1.85 -3.18 7.08
C VAL B 114 -1.55 -3.30 5.58
N PRO B 115 -1.41 -4.53 5.07
CA PRO B 115 -1.12 -4.70 3.64
C PRO B 115 -2.14 -4.01 2.77
N TRP B 116 -1.69 -3.53 1.61
CA TRP B 116 -2.57 -2.85 0.68
C TRP B 116 -3.82 -3.69 0.46
N THR B 117 -3.60 -4.90 0.00
CA THR B 117 -4.67 -5.83 -0.29
C THR B 117 -5.71 -5.94 0.81
N GLU B 118 -5.28 -5.94 2.07
CA GLU B 118 -6.21 -6.04 3.19
C GLU B 118 -7.00 -4.74 3.39
N LEU B 119 -6.35 -3.62 3.07
CA LEU B 119 -6.98 -2.31 3.20
C LEU B 119 -8.09 -2.19 2.18
N VAL B 120 -7.81 -2.68 0.99
CA VAL B 120 -8.77 -2.64 -0.09
C VAL B 120 -9.96 -3.50 0.28
N LYS B 121 -9.70 -4.69 0.81
CA LYS B 121 -10.78 -5.58 1.19
C LYS B 121 -11.74 -4.88 2.14
N ARG B 122 -11.21 -4.33 3.22
CA ARG B 122 -12.05 -3.66 4.21
C ARG B 122 -12.73 -2.40 3.66
N ASN B 123 -11.98 -1.60 2.90
CA ASN B 123 -12.53 -0.36 2.36
C ASN B 123 -13.85 -0.63 1.63
N SER B 124 -13.80 -1.50 0.63
CA SER B 124 -14.98 -1.86 -0.15
C SER B 124 -16.18 -2.18 0.74
N LYS B 125 -15.91 -2.84 1.87
CA LYS B 125 -16.98 -3.21 2.79
C LYS B 125 -17.22 -2.18 3.90
N ARG B 126 -16.59 -1.01 3.78
CA ARG B 126 -16.77 0.04 4.78
C ARG B 126 -18.13 0.69 4.56
N GLY B 127 -18.63 0.57 3.34
CA GLY B 127 -19.92 1.14 3.00
C GLY B 127 -19.88 2.64 2.77
N THR B 128 -20.74 3.34 3.49
CA THR B 128 -20.81 4.79 3.37
C THR B 128 -19.49 5.44 3.72
N LYS B 129 -19.01 5.19 4.93
CA LYS B 129 -17.76 5.77 5.40
C LYS B 129 -16.54 5.14 4.70
N ALA B 130 -16.79 4.49 3.57
CA ALA B 130 -15.72 3.92 2.79
C ALA B 130 -14.99 5.10 2.16
N VAL B 131 -13.84 4.87 1.56
CA VAL B 131 -13.08 5.96 0.95
C VAL B 131 -12.76 5.61 -0.51
N PRO B 132 -12.81 6.60 -1.42
CA PRO B 132 -12.51 6.28 -2.82
C PRO B 132 -11.18 5.56 -2.98
N ILE B 133 -11.11 4.70 -3.98
CA ILE B 133 -9.92 3.90 -4.24
C ILE B 133 -8.69 4.74 -4.53
N ASP B 134 -8.87 5.90 -5.15
CA ASP B 134 -7.71 6.73 -5.48
C ASP B 134 -7.12 7.41 -4.24
N VAL B 135 -7.95 7.65 -3.23
CA VAL B 135 -7.45 8.29 -2.04
C VAL B 135 -6.80 7.27 -1.11
N LEU B 136 -7.27 6.02 -1.18
CA LEU B 136 -6.70 4.94 -0.37
C LEU B 136 -5.27 4.72 -0.85
N ARG B 137 -5.10 4.65 -2.16
CA ARG B 137 -3.79 4.43 -2.77
C ARG B 137 -2.78 5.50 -2.34
N SER B 138 -3.21 6.76 -2.35
CA SER B 138 -2.36 7.87 -1.95
C SER B 138 -2.02 7.74 -0.46
N TYR B 140 -1.97 5.08 1.52
CA TYR B 140 -1.00 4.02 1.63
C TYR B 140 0.35 4.46 1.10
N LYS B 141 0.36 5.24 0.03
CA LYS B 141 1.61 5.73 -0.53
C LYS B 141 2.34 6.59 0.51
N SER B 142 1.58 7.36 1.28
CA SER B 142 2.18 8.21 2.30
C SER B 142 2.64 7.35 3.47
N ARG B 144 3.87 4.37 3.22
CA ARG B 144 5.11 3.74 2.81
C ARG B 144 6.25 4.72 2.99
N GLU B 145 5.95 5.98 2.75
CA GLU B 145 6.95 7.01 2.89
C GLU B 145 7.27 7.23 4.36
N TYR B 146 6.29 7.03 5.23
CA TYR B 146 6.49 7.19 6.67
C TYR B 146 7.26 6.00 7.26
N LEU B 147 7.07 4.83 6.67
CA LEU B 147 7.73 3.61 7.12
C LEU B 147 9.14 3.53 6.53
N GLY B 148 9.42 4.33 5.52
CA GLY B 148 10.74 4.32 4.92
C GLY B 148 10.93 3.32 3.78
N LEU B 149 9.91 2.50 3.54
CA LEU B 149 9.96 1.52 2.46
C LEU B 149 10.58 2.14 1.21
N PRO B 150 11.32 1.35 0.44
CA PRO B 150 12.00 1.79 -0.79
C PRO B 150 11.15 2.06 -2.02
N VAL B 151 11.68 2.94 -2.87
CA VAL B 151 11.07 3.33 -4.13
C VAL B 151 12.20 3.26 -5.13
N TYR B 152 12.08 2.37 -6.10
CA TYR B 152 13.13 2.20 -7.11
C TYR B 152 13.24 3.45 -8.00
N ASN B 153 14.45 4.01 -8.06
CA ASN B 153 14.69 5.19 -8.86
C ASN B 153 15.46 4.84 -10.13
N GLY B 154 15.77 3.56 -10.29
CA GLY B 154 16.49 3.12 -11.47
C GLY B 154 17.76 2.35 -11.16
N THR B 155 18.61 2.23 -12.16
CA THR B 155 19.87 1.51 -12.03
C THR B 155 20.84 1.99 -13.09
N PRO B 156 21.70 2.96 -12.73
CA PRO B 156 22.71 3.52 -13.64
C PRO B 156 23.72 2.44 -13.99
N GLY B 157 23.99 2.27 -15.29
CA GLY B 157 24.94 1.27 -15.71
C GLY B 157 24.31 0.11 -16.45
N LYS B 158 23.82 -0.88 -15.71
CA LYS B 158 23.18 -2.05 -16.29
C LYS B 158 22.19 -1.71 -17.40
N PRO B 159 21.95 -2.65 -18.33
CA PRO B 159 21.02 -2.45 -19.45
C PRO B 159 19.56 -2.28 -19.06
N LYS B 160 18.83 -1.47 -19.83
CA LYS B 160 17.41 -1.23 -19.56
C LYS B 160 16.61 -2.49 -19.88
N ALA B 161 15.43 -2.62 -19.28
CA ALA B 161 14.62 -3.80 -19.52
C ALA B 161 13.14 -3.67 -19.17
N VAL B 162 12.34 -4.57 -19.73
CA VAL B 162 10.89 -4.63 -19.48
C VAL B 162 10.59 -5.98 -18.85
N ILE B 163 9.76 -5.99 -17.82
CA ILE B 163 9.41 -7.22 -17.14
C ILE B 163 8.06 -7.77 -17.63
N PHE B 164 7.93 -9.11 -17.79
CA PHE B 164 6.67 -9.68 -18.24
C PHE B 164 6.22 -10.80 -17.30
N ASP B 165 4.92 -10.81 -17.02
CA ASP B 165 4.33 -11.86 -16.20
C ASP B 165 3.96 -12.97 -17.18
N VAL B 166 3.67 -14.16 -16.66
CA VAL B 166 3.26 -15.25 -17.55
C VAL B 166 1.76 -15.51 -17.49
N ASP B 167 1.25 -15.99 -16.37
CA ASP B 167 -0.20 -16.25 -16.24
C ASP B 167 -1.06 -15.03 -16.55
N GLY B 168 -1.85 -15.12 -17.61
CA GLY B 168 -2.72 -14.00 -17.96
C GLY B 168 -2.11 -12.84 -18.72
N THR B 169 -0.78 -12.83 -18.88
CA THR B 169 -0.08 -11.77 -19.59
C THR B 169 0.41 -12.27 -20.95
N LEU B 170 1.41 -13.16 -20.91
CA LEU B 170 1.97 -13.75 -22.13
C LEU B 170 1.09 -14.92 -22.52
N ALA B 171 0.47 -15.52 -21.51
CA ALA B 171 -0.40 -16.68 -21.69
C ALA B 171 -1.82 -16.38 -21.25
N LYS B 172 -2.79 -17.00 -21.92
CA LYS B 172 -4.19 -16.84 -21.57
C LYS B 172 -4.66 -18.23 -21.13
N THR B 186 -0.91 -25.96 -20.12
CA THR B 186 -0.92 -25.97 -21.59
C THR B 186 -1.91 -24.97 -22.16
N ASP B 187 -1.69 -23.69 -21.85
CA ASP B 187 -2.55 -22.61 -22.33
C ASP B 187 -2.09 -22.15 -23.71
N VAL B 188 -2.68 -21.08 -24.21
CA VAL B 188 -2.33 -20.55 -25.51
C VAL B 188 -1.86 -19.11 -25.40
N ILE B 189 -0.88 -18.73 -26.21
CA ILE B 189 -0.29 -17.40 -26.19
C ILE B 189 -1.29 -16.27 -26.43
N ASN B 190 -1.04 -15.15 -25.76
CA ASN B 190 -1.86 -13.96 -25.87
C ASN B 190 -1.12 -13.12 -26.91
N PRO B 191 -1.51 -13.26 -28.18
CA PRO B 191 -0.94 -12.56 -29.35
C PRO B 191 -0.32 -11.18 -29.13
N VAL B 193 0.40 -9.31 -26.70
CA VAL B 193 1.43 -9.14 -25.68
C VAL B 193 2.73 -9.81 -26.03
N VAL B 194 2.67 -11.05 -26.53
CA VAL B 194 3.88 -11.76 -26.90
C VAL B 194 4.61 -10.96 -27.98
N GLU B 195 3.83 -10.28 -28.83
CA GLU B 195 4.42 -9.47 -29.89
C GLU B 195 5.19 -8.33 -29.24
N LEU B 196 4.60 -7.77 -28.18
CA LEU B 196 5.20 -6.68 -27.46
C LEU B 196 6.62 -7.03 -27.03
N SER B 197 6.76 -8.13 -26.30
CA SER B 197 8.09 -8.55 -25.84
C SER B 197 9.06 -8.62 -27.00
N LYS B 198 8.59 -9.14 -28.13
CA LYS B 198 9.44 -9.26 -29.30
C LYS B 198 9.76 -7.90 -29.92
N TYR B 200 10.03 -5.09 -28.11
CA TYR B 200 10.97 -4.48 -27.16
C TYR B 200 12.28 -5.22 -27.32
N ALA B 201 12.26 -6.28 -28.12
CA ALA B 201 13.45 -7.07 -28.40
C ALA B 201 14.20 -6.36 -29.50
N LEU B 202 13.46 -5.89 -30.49
CA LEU B 202 14.06 -5.14 -31.58
C LEU B 202 14.75 -3.93 -30.96
N GLY B 204 15.94 -2.84 -28.45
CA GLY B 204 17.22 -3.05 -27.82
C GLY B 204 17.04 -3.14 -26.32
N TYR B 205 15.98 -3.81 -25.91
CA TYR B 205 15.63 -3.99 -24.51
C TYR B 205 15.86 -5.42 -24.06
N GLN B 206 16.30 -5.58 -22.81
CA GLN B 206 16.51 -6.90 -22.21
C GLN B 206 15.14 -7.32 -21.66
N ILE B 207 14.75 -8.57 -21.89
CA ILE B 207 13.44 -9.00 -21.42
C ILE B 207 13.46 -10.02 -20.30
N VAL B 208 13.14 -9.56 -19.09
CA VAL B 208 13.11 -10.41 -17.91
C VAL B 208 11.69 -10.98 -17.76
N VAL B 209 11.57 -12.29 -17.60
CA VAL B 209 10.27 -12.91 -17.43
C VAL B 209 10.07 -13.24 -15.97
N VAL B 210 8.84 -13.11 -15.50
CA VAL B 210 8.53 -13.37 -14.12
C VAL B 210 7.22 -14.14 -13.97
N SER B 211 7.10 -14.90 -12.88
CA SER B 211 5.89 -15.68 -12.65
C SER B 211 5.63 -15.99 -11.19
N GLY B 212 4.36 -15.90 -10.81
CA GLY B 212 3.97 -16.16 -9.45
C GLY B 212 3.59 -17.61 -9.21
N ARG B 213 3.71 -18.44 -10.24
CA ARG B 213 3.40 -19.88 -10.10
C ARG B 213 4.47 -20.48 -9.21
N GLU B 214 4.11 -21.46 -8.38
CA GLU B 214 5.11 -22.10 -7.52
C GLU B 214 6.08 -22.76 -8.50
N SER B 215 7.37 -22.75 -8.19
CA SER B 215 8.36 -23.36 -9.07
C SER B 215 7.99 -24.81 -9.31
N GLY B 216 7.56 -25.49 -8.25
CA GLY B 216 7.16 -26.88 -8.40
C GLY B 216 6.48 -27.36 -7.15
N THR B 217 6.45 -28.67 -6.96
CA THR B 217 5.82 -29.27 -5.78
C THR B 217 6.84 -29.90 -4.86
N LYS B 218 6.38 -30.20 -3.66
CA LYS B 218 7.18 -30.83 -2.62
C LYS B 218 8.32 -31.69 -3.16
N GLU B 219 7.96 -32.72 -3.92
CA GLU B 219 8.93 -33.65 -4.48
C GLU B 219 9.57 -33.19 -5.78
N ASP B 220 8.86 -32.38 -6.57
CA ASP B 220 9.41 -31.88 -7.84
C ASP B 220 9.36 -30.36 -7.82
N PRO B 221 10.25 -29.76 -7.02
CA PRO B 221 10.41 -28.32 -6.81
C PRO B 221 10.62 -27.43 -8.02
N THR B 222 10.58 -27.98 -9.23
CA THR B 222 10.80 -27.18 -10.43
C THR B 222 9.88 -27.60 -11.56
N LYS B 223 8.99 -28.53 -11.24
CA LYS B 223 8.01 -29.07 -12.18
C LYS B 223 7.31 -28.00 -13.00
N TYR B 224 6.95 -26.90 -12.35
CA TYR B 224 6.25 -25.81 -13.02
C TYR B 224 7.22 -24.81 -13.62
N TYR B 225 8.35 -24.59 -12.95
CA TYR B 225 9.35 -23.67 -13.47
C TYR B 225 9.77 -24.21 -14.84
N ARG B 226 10.00 -25.52 -14.90
CA ARG B 226 10.40 -26.17 -16.14
C ARG B 226 9.31 -26.10 -17.17
N THR B 228 7.02 -24.02 -17.42
CA THR B 228 6.85 -22.64 -17.85
C THR B 228 7.96 -22.26 -18.81
N ARG B 229 9.21 -22.45 -18.36
CA ARG B 229 10.38 -22.14 -19.17
C ARG B 229 10.23 -22.75 -20.57
N LYS B 230 9.76 -23.99 -20.62
CA LYS B 230 9.58 -24.65 -21.91
C LYS B 230 8.63 -23.81 -22.75
N TRP B 231 7.40 -23.64 -22.25
CA TRP B 231 6.34 -22.87 -22.90
C TRP B 231 6.83 -21.51 -23.40
N VAL B 232 7.22 -20.65 -22.47
CA VAL B 232 7.71 -19.34 -22.84
C VAL B 232 8.69 -19.45 -24.00
N GLU B 233 9.72 -20.26 -23.79
CA GLU B 233 10.78 -20.44 -24.77
C GLU B 233 10.48 -21.19 -26.08
N ASP B 234 9.52 -22.11 -26.08
CA ASP B 234 9.25 -22.86 -27.31
C ASP B 234 7.87 -22.77 -27.94
N ILE B 235 6.98 -21.96 -27.38
CA ILE B 235 5.64 -21.80 -27.94
C ILE B 235 5.35 -20.31 -28.10
N ALA B 236 5.89 -19.51 -27.19
CA ALA B 236 5.72 -18.06 -27.21
C ALA B 236 6.92 -17.46 -27.91
N GLY B 237 8.06 -18.14 -27.79
CA GLY B 237 9.29 -17.66 -28.39
C GLY B 237 9.79 -16.35 -27.82
N VAL B 238 9.47 -16.08 -26.55
CA VAL B 238 9.89 -14.85 -25.92
C VAL B 238 11.39 -14.90 -25.72
N PRO B 239 12.12 -13.97 -26.35
CA PRO B 239 13.58 -13.93 -26.24
C PRO B 239 14.05 -13.42 -24.89
N LEU B 240 13.58 -14.02 -23.80
CA LEU B 240 13.98 -13.56 -22.49
C LEU B 240 15.49 -13.61 -22.27
N VAL B 241 15.90 -13.17 -21.06
CA VAL B 241 17.30 -13.09 -20.67
C VAL B 241 17.42 -13.65 -19.27
N GLN B 243 14.68 -15.57 -16.18
CA GLN B 243 13.36 -16.03 -15.76
C GLN B 243 13.38 -16.22 -14.26
N CYS B 244 12.34 -15.74 -13.59
CA CYS B 244 12.23 -15.87 -12.15
C CYS B 244 10.83 -16.35 -11.81
N GLN B 245 10.72 -17.16 -10.77
CA GLN B 245 9.43 -17.68 -10.38
C GLN B 245 9.40 -17.90 -8.86
N ARG B 246 8.19 -17.98 -8.32
CA ARG B 246 7.96 -18.19 -6.90
C ARG B 246 8.52 -19.54 -6.51
N GLU B 247 9.39 -19.55 -5.50
CA GLU B 247 9.99 -20.79 -5.03
C GLU B 247 8.94 -21.74 -4.45
N GLN B 248 9.12 -23.02 -4.70
CA GLN B 248 8.19 -24.01 -4.19
C GLN B 248 8.04 -23.84 -2.68
N GLY B 249 6.80 -23.95 -2.21
CA GLY B 249 6.53 -23.84 -0.78
C GLY B 249 6.25 -22.45 -0.24
N ASP B 250 6.20 -21.45 -1.11
CA ASP B 250 5.93 -20.07 -0.69
C ASP B 250 4.43 -19.74 -0.76
N THR B 251 3.82 -19.54 0.40
CA THR B 251 2.39 -19.23 0.47
C THR B 251 2.10 -17.76 0.78
N ARG B 252 3.04 -16.89 0.47
CA ARG B 252 2.85 -15.46 0.72
C ARG B 252 2.15 -14.88 -0.50
N LYS B 253 1.54 -13.72 -0.34
CA LYS B 253 0.83 -13.07 -1.44
C LYS B 253 1.71 -12.77 -2.66
N ASP B 254 1.11 -12.91 -3.84
CA ASP B 254 1.79 -12.62 -5.10
C ASP B 254 2.41 -11.24 -4.98
N ASP B 255 1.64 -10.36 -4.33
CA ASP B 255 2.02 -9.00 -4.06
C ASP B 255 3.48 -9.03 -3.63
N VAL B 256 3.69 -9.54 -2.42
CA VAL B 256 5.00 -9.66 -1.78
C VAL B 256 6.09 -10.46 -2.49
N VAL B 257 5.72 -11.54 -3.18
CA VAL B 257 6.71 -12.37 -3.83
C VAL B 257 7.48 -11.67 -4.93
N LYS B 258 6.74 -11.04 -5.84
CA LYS B 258 7.38 -10.38 -6.94
C LYS B 258 8.20 -9.14 -6.56
N GLU B 259 7.91 -8.53 -5.40
CA GLU B 259 8.68 -7.37 -5.00
C GLU B 259 10.05 -7.89 -4.58
N GLU B 260 10.03 -8.93 -3.76
CA GLU B 260 11.23 -9.57 -3.25
C GLU B 260 12.10 -10.06 -4.38
N ILE B 261 11.47 -10.65 -5.40
CA ILE B 261 12.23 -11.14 -6.54
C ILE B 261 12.84 -9.96 -7.30
N PHE B 262 12.13 -8.83 -7.31
CA PHE B 262 12.61 -7.65 -8.01
C PHE B 262 13.88 -7.10 -7.36
N TRP B 263 13.78 -6.86 -6.05
CA TRP B 263 14.90 -6.31 -5.29
C TRP B 263 16.13 -7.21 -5.20
N LYS B 264 15.93 -8.52 -5.00
CA LYS B 264 17.03 -9.47 -4.85
C LYS B 264 17.57 -10.12 -6.12
N HIS B 265 16.85 -10.01 -7.23
CA HIS B 265 17.32 -10.64 -8.45
C HIS B 265 17.29 -9.75 -9.69
N ILE B 266 16.43 -8.74 -9.71
CA ILE B 266 16.31 -7.88 -10.88
C ILE B 266 16.97 -6.51 -10.75
N ALA B 267 16.45 -5.71 -9.84
CA ALA B 267 16.96 -4.36 -9.61
C ALA B 267 18.48 -4.18 -9.67
N PRO B 268 19.24 -5.14 -9.12
CA PRO B 268 20.71 -5.04 -9.14
C PRO B 268 21.43 -5.50 -10.40
N HIS B 269 20.70 -5.81 -11.46
CA HIS B 269 21.34 -6.28 -12.69
C HIS B 269 20.68 -5.67 -13.91
N PHE B 270 19.64 -4.88 -13.68
CA PHE B 270 18.93 -4.28 -14.80
C PHE B 270 18.37 -2.90 -14.47
N ASP B 271 18.17 -2.10 -15.51
CA ASP B 271 17.61 -0.76 -15.36
C ASP B 271 16.15 -0.87 -15.86
N VAL B 272 15.28 -1.37 -14.98
CA VAL B 272 13.87 -1.57 -15.30
C VAL B 272 13.16 -0.30 -15.74
N LYS B 273 12.59 -0.34 -16.94
CA LYS B 273 11.89 0.80 -17.51
C LYS B 273 10.40 0.51 -17.78
N LEU B 274 9.94 -0.65 -17.37
CA LEU B 274 8.55 -1.01 -17.58
C LEU B 274 8.30 -2.42 -17.09
N ALA B 275 7.05 -2.67 -16.71
CA ALA B 275 6.65 -3.98 -16.25
C ALA B 275 5.27 -4.23 -16.84
N ILE B 276 5.03 -5.45 -17.30
CA ILE B 276 3.74 -5.81 -17.88
C ILE B 276 3.11 -6.86 -16.99
N ASP B 277 1.86 -6.66 -16.62
CA ASP B 277 1.18 -7.63 -15.78
C ASP B 277 -0.32 -7.55 -16.06
N ASP B 278 -1.10 -8.31 -15.29
CA ASP B 278 -2.54 -8.29 -15.48
C ASP B 278 -3.23 -8.30 -14.12
N ARG B 279 -2.58 -8.92 -13.15
CA ARG B 279 -3.14 -8.99 -11.82
C ARG B 279 -3.02 -7.64 -11.09
N THR B 280 -4.17 -7.04 -10.81
CA THR B 280 -4.26 -5.76 -10.13
C THR B 280 -3.36 -5.56 -8.89
N GLN B 281 -3.40 -6.50 -7.96
CA GLN B 281 -2.61 -6.39 -6.75
C GLN B 281 -1.11 -6.33 -7.04
N VAL B 282 -0.71 -6.91 -8.17
CA VAL B 282 0.70 -6.90 -8.56
C VAL B 282 1.03 -5.59 -9.26
N VAL B 283 0.16 -5.17 -10.16
CA VAL B 283 0.34 -3.92 -10.90
C VAL B 283 0.41 -2.74 -9.91
N GLU B 284 -0.44 -2.81 -8.89
CA GLU B 284 -0.51 -1.80 -7.83
C GLU B 284 0.84 -1.72 -7.11
N TRP B 286 4.00 -2.76 -8.40
CA TRP B 286 5.02 -2.26 -9.30
C TRP B 286 5.07 -0.73 -9.28
N ARG B 287 3.90 -0.11 -9.29
CA ARG B 287 3.81 1.34 -9.31
C ARG B 287 4.19 2.02 -8.00
N ARG B 288 3.92 1.38 -6.87
CA ARG B 288 4.29 1.98 -5.60
C ARG B 288 5.81 2.09 -5.54
N ILE B 289 6.50 0.99 -5.83
CA ILE B 289 7.95 0.99 -5.77
C ILE B 289 8.63 1.79 -6.84
N GLY B 290 7.83 2.49 -7.64
CA GLY B 290 8.40 3.34 -8.68
C GLY B 290 8.70 2.70 -10.01
N VAL B 291 7.87 1.76 -10.43
CA VAL B 291 8.09 1.08 -11.69
C VAL B 291 6.83 1.16 -12.56
N GLU B 292 6.94 1.85 -13.70
CA GLU B 292 5.81 1.97 -14.62
C GLU B 292 5.24 0.58 -14.87
N CYS B 293 3.92 0.48 -15.05
CA CYS B 293 3.32 -0.82 -15.29
C CYS B 293 2.07 -0.72 -16.11
N TRP B 294 1.91 -1.65 -17.04
CA TRP B 294 0.72 -1.67 -17.88
C TRP B 294 -0.08 -2.94 -17.62
N GLN B 295 -1.35 -2.78 -17.24
CA GLN B 295 -2.23 -3.90 -16.98
C GLN B 295 -2.83 -4.25 -18.35
N VAL B 296 -2.60 -5.47 -18.81
CA VAL B 296 -3.09 -5.89 -20.12
C VAL B 296 -4.49 -6.49 -20.13
N ALA B 297 -5.12 -6.63 -18.97
CA ALA B 297 -6.47 -7.19 -18.88
C ALA B 297 -7.04 -7.01 -17.49
N SER B 298 -8.36 -7.04 -17.39
CA SER B 298 -9.02 -6.90 -16.09
C SER B 298 -8.52 -8.05 -15.25
N GLY B 299 -7.90 -7.75 -14.12
CA GLY B 299 -7.38 -8.79 -13.26
C GLY B 299 -7.69 -8.56 -11.80
N ASP B 300 -8.97 -8.68 -11.45
CA ASP B 300 -9.39 -8.48 -10.08
C ASP B 300 -9.53 -9.82 -9.35
N PHE B 301 -8.39 -10.49 -9.16
CA PHE B 301 -8.35 -11.78 -8.48
C PHE B 301 -7.14 -11.88 -7.56
#